data_2FIB
#
_entry.id   2FIB
#
_cell.length_a   37.330
_cell.length_b   68.200
_cell.length_c   47.600
_cell.angle_alpha   90.00
_cell.angle_beta   105.02
_cell.angle_gamma   90.00
#
_symmetry.space_group_name_H-M   'P 1 21 1'
#
loop_
_entity.id
_entity.type
_entity.pdbx_description
1 polymer FIBRINOGEN
2 polymer GLY-PRO-ARG-PRO
3 non-polymer 'CALCIUM ION'
4 water water
#
loop_
_entity_poly.entity_id
_entity_poly.type
_entity_poly.pdbx_seq_one_letter_code
_entity_poly.pdbx_strand_id
1 'polypeptide(L)'
;VQIHDITGKDCQDIANKGAKQSGLYFIKPLKANQQFLVYCEIDGSGNGWTVFQKRLDGSVDFKKNWIQYKEGFGHLSPTG
TTEFWLGNEKIHLISTQSAIPYALRVELEDWNGRTSTADYAMFKVGPEADKYRLTYAYFAGGDAGDAFDGFDFGDDPSDK
FFTSHNGMQFSTWDNDNDKFEGNCAEQDGSGWWMNKCHAGHLNGVYYQGGTYSKASTPNGYDNGIIWATWKTRWYSMKKT
TMKIIPFNRLTIGEGQQHHLGGAKQAGDV
;
A
2 'polypeptide(L)' GPRP B
#
# COMPACT_ATOMS: atom_id res chain seq x y z
N VAL A 1 -5.63 0.84 -25.01
CA VAL A 1 -4.38 0.89 -24.17
C VAL A 1 -3.49 1.99 -24.78
N GLN A 2 -2.50 2.45 -24.02
CA GLN A 2 -1.61 3.48 -24.51
C GLN A 2 -0.38 3.62 -23.61
N ILE A 3 0.59 2.72 -23.80
CA ILE A 3 1.82 2.75 -23.02
C ILE A 3 2.77 3.71 -23.73
N HIS A 4 3.50 4.50 -22.95
CA HIS A 4 4.44 5.46 -23.49
C HIS A 4 5.80 4.78 -23.76
N ASP A 5 6.52 5.29 -24.77
CA ASP A 5 7.83 4.76 -25.21
C ASP A 5 9.01 4.84 -24.25
N ILE A 6 9.20 5.99 -23.61
CA ILE A 6 10.28 6.17 -22.65
C ILE A 6 10.19 5.10 -21.56
N THR A 7 11.29 4.42 -21.32
CA THR A 7 11.36 3.38 -20.31
C THR A 7 12.46 3.75 -19.31
N GLY A 8 12.57 3.00 -18.22
CA GLY A 8 13.59 3.29 -17.22
C GLY A 8 13.59 2.26 -16.11
N LYS A 9 14.38 2.51 -15.05
CA LYS A 9 14.49 1.60 -13.89
C LYS A 9 13.23 1.75 -13.04
N ASP A 10 12.66 2.96 -13.09
CA ASP A 10 11.44 3.33 -12.39
C ASP A 10 10.85 4.57 -13.04
N CYS A 11 9.78 5.12 -12.47
CA CYS A 11 9.10 6.31 -12.96
C CYS A 11 9.86 7.63 -12.79
N GLN A 12 10.86 7.64 -11.92
CA GLN A 12 11.67 8.84 -11.73
C GLN A 12 12.68 8.92 -12.87
N ASP A 13 13.22 7.76 -13.25
CA ASP A 13 14.19 7.66 -14.34
C ASP A 13 13.45 8.14 -15.60
N ILE A 14 12.19 7.71 -15.70
CA ILE A 14 11.33 8.08 -16.79
C ILE A 14 11.14 9.61 -16.86
N ALA A 15 10.89 10.26 -15.73
CA ALA A 15 10.71 11.70 -15.71
C ALA A 15 12.01 12.43 -16.03
N ASN A 16 13.12 11.83 -15.62
CA ASN A 16 14.41 12.44 -15.85
C ASN A 16 14.72 12.57 -17.35
N LYS A 17 14.21 11.63 -18.13
CA LYS A 17 14.42 11.62 -19.57
C LYS A 17 13.44 12.52 -20.33
N GLY A 18 12.64 13.30 -19.63
CA GLY A 18 11.71 14.17 -20.34
C GLY A 18 10.21 13.86 -20.38
N ALA A 19 9.79 12.67 -19.97
CA ALA A 19 8.37 12.33 -19.98
C ALA A 19 7.67 13.32 -19.05
N LYS A 20 6.57 13.92 -19.51
CA LYS A 20 5.83 14.88 -18.67
C LYS A 20 4.36 14.53 -18.42
N GLN A 21 3.92 13.41 -19.01
CA GLN A 21 2.52 12.94 -18.90
C GLN A 21 2.37 11.74 -17.98
N SER A 22 1.34 11.75 -17.16
CA SER A 22 1.05 10.63 -16.26
C SER A 22 0.45 9.55 -17.15
N GLY A 23 0.75 8.29 -16.88
CA GLY A 23 0.19 7.25 -17.71
C GLY A 23 0.89 5.91 -17.60
N LEU A 24 0.65 5.07 -18.58
CA LEU A 24 1.25 3.75 -18.60
C LEU A 24 2.62 3.79 -19.26
N TYR A 25 3.63 3.33 -18.53
CA TYR A 25 5.00 3.27 -19.05
C TYR A 25 5.54 1.89 -18.76
N PHE A 26 6.59 1.51 -19.47
CA PHE A 26 7.24 0.24 -19.23
C PHE A 26 8.49 0.60 -18.42
N ILE A 27 8.80 -0.21 -17.43
CA ILE A 27 10.01 -0.05 -16.60
C ILE A 27 10.59 -1.44 -16.41
N LYS A 28 11.88 -1.54 -16.16
CA LYS A 28 12.51 -2.83 -16.00
C LYS A 28 13.57 -2.65 -14.91
N PRO A 29 13.17 -2.79 -13.65
CA PRO A 29 14.14 -2.64 -12.55
C PRO A 29 15.35 -3.55 -12.69
N LEU A 30 16.46 -3.15 -12.09
CA LEU A 30 17.73 -3.88 -12.12
C LEU A 30 17.64 -5.40 -12.26
N LYS A 31 16.81 -6.06 -11.44
CA LYS A 31 16.72 -7.51 -11.54
C LYS A 31 15.50 -8.10 -12.24
N ALA A 32 14.74 -7.28 -12.94
CA ALA A 32 13.58 -7.76 -13.65
C ALA A 32 14.11 -8.43 -14.92
N ASN A 33 13.68 -9.66 -15.13
CA ASN A 33 14.08 -10.43 -16.29
C ASN A 33 13.40 -9.74 -17.48
N GLN A 34 12.20 -9.22 -17.23
CA GLN A 34 11.44 -8.51 -18.24
C GLN A 34 10.69 -7.28 -17.78
N GLN A 35 10.58 -6.32 -18.69
CA GLN A 35 9.89 -5.07 -18.41
C GLN A 35 8.45 -5.34 -18.06
N PHE A 36 7.83 -4.34 -17.45
CA PHE A 36 6.44 -4.43 -17.09
C PHE A 36 5.81 -3.06 -17.03
N LEU A 37 4.50 -3.07 -17.25
CA LEU A 37 3.67 -1.88 -17.24
C LEU A 37 3.47 -1.37 -15.83
N VAL A 38 3.55 -0.05 -15.66
CA VAL A 38 3.30 0.58 -14.37
C VAL A 38 2.58 1.85 -14.70
N TYR A 39 1.98 2.47 -13.71
CA TYR A 39 1.33 3.74 -13.94
C TYR A 39 2.25 4.75 -13.25
N CYS A 40 2.70 5.74 -13.99
CA CYS A 40 3.54 6.78 -13.43
C CYS A 40 2.72 8.00 -13.21
N GLU A 41 2.91 8.60 -12.06
CA GLU A 41 2.24 9.82 -11.68
C GLU A 41 3.36 10.86 -11.82
N ILE A 42 3.33 11.65 -12.89
CA ILE A 42 4.37 12.66 -13.14
C ILE A 42 3.86 14.10 -12.95
N ASP A 43 4.31 14.76 -11.89
CA ASP A 43 3.88 16.14 -11.65
C ASP A 43 4.74 17.13 -12.43
N GLY A 44 4.39 18.40 -12.34
CA GLY A 44 5.13 19.43 -13.04
C GLY A 44 6.60 19.61 -12.66
N SER A 45 6.92 19.41 -11.39
CA SER A 45 8.30 19.60 -10.94
C SER A 45 9.27 18.47 -11.31
N GLY A 46 8.85 17.58 -12.21
CA GLY A 46 9.73 16.50 -12.61
C GLY A 46 9.63 15.27 -11.72
N ASN A 47 8.82 15.33 -10.68
CA ASN A 47 8.66 14.17 -9.82
C ASN A 47 7.86 13.11 -10.55
N GLY A 48 8.40 11.89 -10.57
CA GLY A 48 7.74 10.75 -11.20
C GLY A 48 7.54 9.63 -10.19
N TRP A 49 6.32 9.48 -9.67
CA TRP A 49 6.00 8.42 -8.69
C TRP A 49 5.51 7.15 -9.33
N THR A 50 6.08 6.01 -8.94
CA THR A 50 5.65 4.71 -9.44
C THR A 50 4.48 4.31 -8.51
N VAL A 51 3.27 4.26 -9.04
CA VAL A 51 2.12 3.91 -8.21
C VAL A 51 1.98 2.41 -8.18
N PHE A 52 1.90 1.83 -6.97
CA PHE A 52 1.74 0.37 -6.84
C PHE A 52 0.40 -0.13 -6.23
N GLN A 53 -0.42 0.80 -5.72
CA GLN A 53 -1.72 0.43 -5.16
C GLN A 53 -2.66 1.60 -5.35
N LYS A 54 -3.91 1.29 -5.71
CA LYS A 54 -4.93 2.32 -5.90
C LYS A 54 -6.33 1.79 -5.53
N ARG A 55 -7.04 2.51 -4.67
CA ARG A 55 -8.43 2.17 -4.28
C ARG A 55 -9.23 3.43 -4.61
N LEU A 56 -10.40 3.29 -5.21
CA LEU A 56 -11.19 4.48 -5.53
C LEU A 56 -12.70 4.31 -5.71
N ASP A 57 -13.18 3.08 -5.94
CA ASP A 57 -14.61 2.85 -6.13
C ASP A 57 -15.21 1.48 -5.76
N GLY A 58 -14.39 0.52 -5.30
CA GLY A 58 -14.90 -0.80 -4.92
C GLY A 58 -15.08 -1.89 -5.98
N SER A 59 -14.54 -1.64 -7.17
CA SER A 59 -14.61 -2.51 -8.34
C SER A 59 -13.82 -3.83 -8.32
N VAL A 60 -12.83 -3.95 -7.44
CA VAL A 60 -12.01 -5.14 -7.30
C VAL A 60 -12.03 -5.64 -5.85
N ASP A 61 -12.22 -6.94 -5.68
CA ASP A 61 -12.23 -7.54 -4.36
C ASP A 61 -10.77 -7.74 -3.93
N PHE A 62 -10.36 -7.14 -2.82
CA PHE A 62 -8.98 -7.30 -2.38
C PHE A 62 -8.65 -8.55 -1.56
N LYS A 63 -9.65 -9.41 -1.38
CA LYS A 63 -9.44 -10.67 -0.66
C LYS A 63 -8.91 -11.65 -1.71
N LYS A 64 -7.62 -11.56 -1.99
CA LYS A 64 -6.97 -12.43 -2.95
C LYS A 64 -5.97 -13.31 -2.21
N ASN A 65 -5.55 -14.40 -2.82
CA ASN A 65 -4.58 -15.30 -2.23
C ASN A 65 -3.12 -14.85 -2.45
N TRP A 66 -2.18 -15.64 -1.94
CA TRP A 66 -0.73 -15.38 -2.04
C TRP A 66 -0.21 -15.18 -3.46
N ILE A 67 -0.51 -16.12 -4.34
CA ILE A 67 -0.07 -16.03 -5.72
C ILE A 67 -0.64 -14.79 -6.42
N GLN A 68 -1.88 -14.44 -6.10
CA GLN A 68 -2.52 -13.26 -6.69
C GLN A 68 -1.89 -11.98 -6.15
N TYR A 69 -1.56 -11.98 -4.86
CA TYR A 69 -0.92 -10.80 -4.30
C TYR A 69 0.54 -10.74 -4.73
N LYS A 70 1.14 -11.89 -5.02
CA LYS A 70 2.51 -11.92 -5.49
C LYS A 70 2.67 -11.34 -6.91
N GLU A 71 1.76 -11.75 -7.81
CA GLU A 71 1.76 -11.35 -9.21
C GLU A 71 1.04 -10.06 -9.62
N GLY A 72 0.06 -9.64 -8.82
CA GLY A 72 -0.68 -8.42 -9.11
C GLY A 72 -2.10 -8.71 -9.57
N PHE A 73 -3.00 -7.77 -9.36
CA PHE A 73 -4.38 -7.95 -9.79
C PHE A 73 -5.04 -6.62 -10.02
N GLY A 74 -6.20 -6.64 -10.65
CA GLY A 74 -6.88 -5.40 -10.91
C GLY A 74 -6.49 -4.91 -12.28
N HIS A 75 -6.78 -3.65 -12.59
CA HIS A 75 -6.47 -3.13 -13.91
C HIS A 75 -5.75 -1.79 -13.94
N LEU A 76 -4.78 -1.68 -14.83
CA LEU A 76 -4.03 -0.44 -15.01
C LEU A 76 -4.75 0.38 -16.09
N SER A 77 -4.92 1.67 -15.87
CA SER A 77 -5.58 2.50 -16.86
C SER A 77 -4.77 3.75 -17.15
N PRO A 78 -4.70 4.14 -18.45
CA PRO A 78 -3.94 5.34 -18.79
C PRO A 78 -4.43 6.55 -18.04
N THR A 79 -5.71 6.60 -17.72
CA THR A 79 -6.28 7.73 -17.00
C THR A 79 -6.10 7.69 -15.48
N GLY A 80 -5.60 6.56 -14.96
CA GLY A 80 -5.40 6.40 -13.52
C GLY A 80 -6.70 6.32 -12.73
N THR A 81 -7.72 5.65 -13.28
CA THR A 81 -9.04 5.54 -12.63
C THR A 81 -9.49 4.12 -12.37
N THR A 82 -8.54 3.22 -12.18
CA THR A 82 -8.87 1.84 -11.91
C THR A 82 -8.15 1.41 -10.60
N GLU A 83 -8.65 0.36 -9.96
CA GLU A 83 -8.06 -0.12 -8.72
C GLU A 83 -7.12 -1.26 -9.05
N PHE A 84 -6.01 -1.40 -8.34
CA PHE A 84 -5.09 -2.51 -8.62
C PHE A 84 -4.05 -2.74 -7.53
N TRP A 85 -3.37 -3.88 -7.60
CA TRP A 85 -2.25 -4.17 -6.69
C TRP A 85 -1.19 -4.63 -7.66
N LEU A 86 -0.14 -3.83 -7.82
CA LEU A 86 0.94 -4.11 -8.77
C LEU A 86 1.53 -5.50 -8.67
N GLY A 87 1.71 -5.95 -7.45
CA GLY A 87 2.29 -7.26 -7.26
C GLY A 87 3.46 -7.13 -6.31
N ASN A 88 3.48 -8.04 -5.31
CA ASN A 88 4.54 -8.07 -4.30
C ASN A 88 5.92 -8.30 -4.87
N GLU A 89 6.02 -9.04 -5.97
CA GLU A 89 7.32 -9.31 -6.61
C GLU A 89 7.87 -8.05 -7.29
N LYS A 90 7.01 -7.32 -7.98
CA LYS A 90 7.37 -6.07 -8.67
C LYS A 90 7.70 -4.98 -7.67
N ILE A 91 6.92 -4.89 -6.59
CA ILE A 91 7.18 -3.88 -5.57
C ILE A 91 8.55 -4.19 -4.96
N HIS A 92 8.88 -5.47 -4.88
CA HIS A 92 10.16 -5.88 -4.33
C HIS A 92 11.29 -5.54 -5.27
N LEU A 93 11.12 -5.87 -6.54
CA LEU A 93 12.14 -5.60 -7.55
C LEU A 93 12.49 -4.10 -7.68
N ILE A 94 11.50 -3.22 -7.49
CA ILE A 94 11.72 -1.79 -7.61
C ILE A 94 12.34 -1.16 -6.34
N SER A 95 11.71 -1.37 -5.19
CA SER A 95 12.16 -0.78 -3.94
C SER A 95 13.54 -1.21 -3.46
N THR A 96 14.04 -2.32 -4.00
CA THR A 96 15.35 -2.79 -3.60
C THR A 96 16.40 -2.73 -4.72
N GLN A 97 16.11 -2.05 -5.82
CA GLN A 97 17.09 -2.02 -6.88
C GLN A 97 18.26 -1.08 -6.60
N SER A 98 19.46 -1.59 -6.84
CA SER A 98 20.69 -0.83 -6.66
C SER A 98 20.80 -0.05 -5.34
N ALA A 99 20.24 -0.62 -4.27
CA ALA A 99 20.23 -0.01 -2.94
C ALA A 99 19.71 1.40 -2.98
N ILE A 100 18.94 1.74 -4.01
CA ILE A 100 18.43 3.08 -4.13
C ILE A 100 17.48 3.35 -2.97
N PRO A 101 17.70 4.47 -2.26
CA PRO A 101 16.83 4.81 -1.15
C PRO A 101 15.47 5.36 -1.62
N TYR A 102 14.39 4.63 -1.34
CA TYR A 102 13.04 5.02 -1.72
C TYR A 102 12.19 5.50 -0.55
N ALA A 103 11.30 6.46 -0.82
CA ALA A 103 10.36 6.99 0.17
C ALA A 103 9.00 6.51 -0.30
N LEU A 104 8.14 6.15 0.65
CA LEU A 104 6.80 5.68 0.32
C LEU A 104 5.83 6.71 0.76
N ARG A 105 4.90 7.06 -0.13
CA ARG A 105 3.86 8.02 0.19
C ARG A 105 2.55 7.28 0.09
N VAL A 106 1.77 7.42 1.15
CA VAL A 106 0.46 6.83 1.30
C VAL A 106 -0.36 8.10 1.21
N GLU A 107 -1.32 8.14 0.29
CA GLU A 107 -2.14 9.32 0.08
C GLU A 107 -3.55 8.89 0.27
N LEU A 108 -4.28 9.61 1.10
CA LEU A 108 -5.63 9.21 1.44
C LEU A 108 -6.69 10.24 1.19
N GLU A 109 -7.86 9.76 0.78
CA GLU A 109 -8.98 10.66 0.57
C GLU A 109 -10.23 10.31 1.33
N ASP A 110 -10.82 11.37 1.81
CA ASP A 110 -12.04 11.34 2.59
C ASP A 110 -13.27 11.16 1.76
N TRP A 111 -14.37 11.01 2.46
CA TRP A 111 -15.65 10.96 1.81
C TRP A 111 -16.14 12.41 1.80
N ASN A 112 -15.35 13.29 2.43
CA ASN A 112 -15.62 14.72 2.54
C ASN A 112 -14.70 15.61 1.69
N GLY A 113 -13.96 14.99 0.76
CA GLY A 113 -13.03 15.74 -0.10
C GLY A 113 -11.61 15.99 0.43
N ARG A 114 -11.39 15.79 1.73
CA ARG A 114 -10.07 16.03 2.32
C ARG A 114 -9.04 14.95 2.04
N THR A 115 -7.88 15.38 1.58
CA THR A 115 -6.78 14.47 1.26
C THR A 115 -5.70 14.60 2.35
N SER A 116 -5.09 13.49 2.76
CA SER A 116 -4.01 13.51 3.77
C SER A 116 -2.85 12.62 3.29
N THR A 117 -1.64 12.92 3.75
CA THR A 117 -0.47 12.15 3.36
C THR A 117 0.36 11.62 4.53
N ALA A 118 1.14 10.60 4.23
CA ALA A 118 2.01 10.02 5.23
C ALA A 118 3.19 9.46 4.44
N ASP A 119 4.38 9.98 4.72
CA ASP A 119 5.62 9.54 4.06
C ASP A 119 6.51 8.67 4.96
N TYR A 120 7.16 7.68 4.35
CA TYR A 120 8.06 6.78 5.05
C TYR A 120 9.35 6.80 4.29
N ALA A 121 10.45 7.07 4.98
CA ALA A 121 11.76 7.13 4.36
C ALA A 121 12.46 5.77 4.34
N MET A 122 13.16 5.48 3.24
CA MET A 122 13.90 4.22 3.06
C MET A 122 13.00 3.00 3.11
N PHE A 123 11.91 3.07 2.35
CA PHE A 123 10.93 2.01 2.29
C PHE A 123 11.39 0.85 1.39
N LYS A 124 11.22 -0.37 1.88
CA LYS A 124 11.59 -1.58 1.15
C LYS A 124 10.62 -2.74 1.42
N VAL A 125 10.50 -3.63 0.44
CA VAL A 125 9.67 -4.83 0.57
C VAL A 125 10.62 -5.96 0.22
N GLY A 126 10.87 -6.81 1.20
CA GLY A 126 11.78 -7.94 1.02
C GLY A 126 11.30 -8.96 0.03
N PRO A 127 12.14 -9.96 -0.29
CA PRO A 127 11.83 -11.03 -1.24
C PRO A 127 10.86 -12.09 -0.67
N GLU A 128 10.39 -12.97 -1.54
CA GLU A 128 9.46 -14.02 -1.15
C GLU A 128 9.97 -14.94 -0.03
N ALA A 129 11.28 -15.15 -0.03
CA ALA A 129 11.96 -15.98 0.98
C ALA A 129 11.74 -15.44 2.40
N ASP A 130 11.52 -14.14 2.51
CA ASP A 130 11.28 -13.53 3.81
C ASP A 130 9.84 -13.02 3.87
N LYS A 131 8.99 -13.62 3.03
CA LYS A 131 7.57 -13.30 2.95
C LYS A 131 7.25 -11.83 2.67
N TYR A 132 8.02 -11.21 1.78
CA TYR A 132 7.81 -9.81 1.39
C TYR A 132 7.65 -8.89 2.58
N ARG A 133 8.56 -8.99 3.51
CA ARG A 133 8.53 -8.18 4.72
C ARG A 133 8.63 -6.69 4.43
N LEU A 134 7.89 -5.90 5.19
CA LEU A 134 7.89 -4.46 5.04
C LEU A 134 8.88 -3.86 6.01
N THR A 135 9.76 -2.99 5.55
CA THR A 135 10.71 -2.35 6.45
C THR A 135 10.94 -0.93 5.96
N TYR A 136 11.18 -0.02 6.88
CA TYR A 136 11.46 1.36 6.53
C TYR A 136 12.25 1.93 7.69
N ALA A 137 13.01 3.00 7.44
CA ALA A 137 13.80 3.61 8.50
C ALA A 137 12.98 4.47 9.45
N TYR A 138 12.27 5.44 8.93
CA TYR A 138 11.52 6.29 9.82
C TYR A 138 10.41 6.99 9.09
N PHE A 139 9.47 7.54 9.85
CA PHE A 139 8.36 8.29 9.32
C PHE A 139 8.94 9.69 9.02
N ALA A 140 8.59 10.21 7.84
CA ALA A 140 9.05 11.49 7.35
C ALA A 140 7.94 12.55 7.44
N GLY A 141 6.81 12.19 8.02
CA GLY A 141 5.74 13.18 8.17
C GLY A 141 4.55 13.11 7.24
N GLY A 142 3.56 13.94 7.54
CA GLY A 142 2.35 13.98 6.75
C GLY A 142 1.20 13.96 7.73
N ASP A 143 0.14 14.68 7.37
CA ASP A 143 -1.05 14.80 8.22
C ASP A 143 -1.89 13.55 8.55
N ALA A 144 -1.70 12.46 7.80
CA ALA A 144 -2.45 11.23 8.05
C ALA A 144 -2.00 10.59 9.36
N GLY A 145 -0.79 10.95 9.78
CA GLY A 145 -0.26 10.40 11.02
C GLY A 145 0.53 9.16 10.73
N ASP A 146 1.20 8.60 11.73
CA ASP A 146 2.01 7.42 11.50
C ASP A 146 1.34 6.15 11.95
N ALA A 147 0.41 5.62 11.17
CA ALA A 147 -0.29 4.39 11.55
C ALA A 147 0.61 3.18 11.56
N PHE A 148 1.73 3.22 10.82
CA PHE A 148 2.66 2.10 10.76
C PHE A 148 3.47 1.90 12.04
N ASP A 149 3.46 2.92 12.91
CA ASP A 149 4.17 2.84 14.17
C ASP A 149 3.33 2.08 15.19
N GLY A 150 2.09 1.77 14.86
CA GLY A 150 1.25 1.06 15.79
C GLY A 150 0.33 2.06 16.43
N PHE A 151 -0.71 1.59 17.09
CA PHE A 151 -1.70 2.47 17.68
C PHE A 151 -2.37 1.85 18.91
N ASP A 152 -2.55 2.66 19.95
CA ASP A 152 -3.18 2.20 21.18
C ASP A 152 -4.67 2.54 21.08
N PHE A 153 -5.42 1.63 20.46
CA PHE A 153 -6.85 1.82 20.27
C PHE A 153 -7.53 1.98 21.62
N GLY A 154 -6.91 1.36 22.63
CA GLY A 154 -7.41 1.42 24.01
C GLY A 154 -7.65 0.03 24.58
N ASP A 155 -8.09 -0.88 23.71
CA ASP A 155 -8.40 -2.28 24.03
C ASP A 155 -7.45 -3.01 24.97
N ASP A 156 -6.15 -2.68 24.90
CA ASP A 156 -5.16 -3.38 25.69
C ASP A 156 -3.94 -2.50 25.81
N PRO A 157 -2.99 -2.88 26.68
CA PRO A 157 -1.77 -2.08 26.82
C PRO A 157 -0.85 -2.37 25.63
N SER A 158 -0.78 -3.65 25.26
CA SER A 158 0.06 -4.10 24.16
C SER A 158 -0.55 -3.84 22.78
N ASP A 159 -1.58 -3.01 22.70
CA ASP A 159 -2.19 -2.71 21.42
C ASP A 159 -1.11 -2.16 20.49
N LYS A 160 -0.52 -1.03 20.86
CA LYS A 160 0.55 -0.40 20.08
C LYS A 160 1.57 -1.44 19.61
N PHE A 161 2.08 -2.23 20.52
CA PHE A 161 3.06 -3.27 20.17
C PHE A 161 2.53 -4.20 19.06
N PHE A 162 1.25 -4.54 19.17
CA PHE A 162 0.58 -5.46 18.25
C PHE A 162 -0.01 -4.90 16.96
N THR A 163 -0.12 -3.58 16.83
CA THR A 163 -0.65 -2.99 15.62
C THR A 163 0.38 -2.18 14.81
N SER A 164 1.66 -2.36 15.12
CA SER A 164 2.72 -1.67 14.38
C SER A 164 3.02 -2.51 13.15
N HIS A 165 3.50 -1.89 12.08
CA HIS A 165 3.76 -2.60 10.82
C HIS A 165 5.21 -2.82 10.36
N ASN A 166 6.15 -2.07 10.93
CA ASN A 166 7.55 -2.21 10.58
C ASN A 166 8.10 -3.59 10.91
N GLY A 167 8.71 -4.24 9.94
CA GLY A 167 9.29 -5.55 10.16
C GLY A 167 8.33 -6.71 9.96
N MET A 168 7.07 -6.39 9.72
CA MET A 168 6.03 -7.40 9.51
C MET A 168 6.10 -8.06 8.14
N GLN A 169 5.88 -9.36 8.10
CA GLN A 169 5.90 -10.06 6.85
C GLN A 169 4.49 -9.90 6.27
N PHE A 170 4.33 -10.26 5.00
CA PHE A 170 3.02 -10.18 4.34
C PHE A 170 2.23 -11.44 4.67
N SER A 171 0.91 -11.29 4.79
CA SER A 171 -0.01 -12.39 5.08
C SER A 171 -1.27 -12.32 4.19
N THR A 172 -1.66 -13.45 3.62
CA THR A 172 -2.91 -13.53 2.87
C THR A 172 -3.66 -14.62 3.66
N TRP A 173 -4.97 -14.72 3.50
CA TRP A 173 -5.71 -15.71 4.25
C TRP A 173 -5.14 -17.14 4.10
N ASP A 174 -4.39 -17.39 3.03
CA ASP A 174 -3.80 -18.71 2.81
C ASP A 174 -2.29 -18.72 2.99
N ASN A 175 -1.77 -17.78 3.74
CA ASN A 175 -0.33 -17.72 3.99
C ASN A 175 -0.21 -16.78 5.14
N ASP A 176 -0.47 -17.36 6.30
CA ASP A 176 -0.48 -16.64 7.56
C ASP A 176 0.90 -16.49 8.17
N ASN A 177 1.40 -15.27 8.19
CA ASN A 177 2.71 -15.00 8.73
C ASN A 177 2.59 -13.88 9.76
N ASP A 178 1.41 -13.71 10.34
CA ASP A 178 1.22 -12.66 11.35
C ASP A 178 1.68 -13.05 12.75
N LYS A 179 1.38 -12.19 13.72
CA LYS A 179 1.77 -12.41 15.11
C LYS A 179 0.55 -12.74 16.00
N PHE A 180 -0.55 -13.14 15.37
CA PHE A 180 -1.80 -13.46 16.05
C PHE A 180 -2.03 -14.95 15.91
N GLU A 181 -2.57 -15.62 16.94
CA GLU A 181 -2.77 -17.05 16.82
C GLU A 181 -3.95 -17.43 15.93
N GLY A 182 -4.71 -16.43 15.51
CA GLY A 182 -5.79 -16.67 14.57
C GLY A 182 -5.20 -16.26 13.22
N ASN A 183 -6.03 -16.03 12.23
CA ASN A 183 -5.50 -15.60 10.95
C ASN A 183 -6.10 -14.23 10.67
N CYS A 184 -5.29 -13.16 10.81
CA CYS A 184 -5.75 -11.78 10.59
C CYS A 184 -6.21 -11.55 9.16
N ALA A 185 -5.35 -11.91 8.22
CA ALA A 185 -5.65 -11.73 6.81
C ALA A 185 -6.97 -12.40 6.51
N GLU A 186 -7.13 -13.63 6.95
CA GLU A 186 -8.38 -14.36 6.72
C GLU A 186 -9.63 -13.73 7.35
N GLN A 187 -9.55 -13.24 8.58
CA GLN A 187 -10.73 -12.63 9.17
C GLN A 187 -11.01 -11.20 8.77
N ASP A 188 -10.02 -10.48 8.27
CA ASP A 188 -10.27 -9.11 7.82
C ASP A 188 -10.42 -9.05 6.29
N GLY A 189 -10.32 -10.23 5.68
CA GLY A 189 -10.47 -10.40 4.24
C GLY A 189 -9.56 -9.60 3.32
N SER A 190 -8.25 -9.66 3.56
CA SER A 190 -7.28 -8.92 2.75
C SER A 190 -5.92 -9.58 2.71
N GLY A 191 -4.99 -8.87 2.10
CA GLY A 191 -3.60 -9.32 2.04
C GLY A 191 -2.90 -8.11 2.61
N TRP A 192 -2.11 -8.26 3.66
CA TRP A 192 -1.45 -7.10 4.26
C TRP A 192 -0.28 -7.51 5.16
N TRP A 193 0.49 -6.52 5.58
CA TRP A 193 1.59 -6.77 6.51
C TRP A 193 0.96 -6.77 7.90
N MET A 194 0.34 -7.89 8.26
CA MET A 194 -0.34 -8.06 9.55
C MET A 194 0.56 -8.35 10.75
N ASN A 195 0.21 -7.74 11.88
CA ASN A 195 0.88 -7.93 13.18
C ASN A 195 -0.22 -8.66 13.98
N LYS A 196 -0.97 -7.90 14.77
CA LYS A 196 -2.05 -8.48 15.58
C LYS A 196 -3.07 -7.40 15.96
N CYS A 197 -3.76 -6.80 14.97
CA CYS A 197 -3.55 -7.12 13.55
C CYS A 197 -3.07 -5.90 12.77
N HIS A 198 -3.67 -4.74 13.03
CA HIS A 198 -3.29 -3.57 12.28
C HIS A 198 -3.85 -2.25 12.75
N ALA A 199 -3.13 -1.19 12.40
CA ALA A 199 -3.48 0.21 12.70
C ALA A 199 -3.61 0.93 11.35
N GLY A 200 -3.08 0.32 10.31
CA GLY A 200 -3.14 0.88 8.96
C GLY A 200 -3.44 -0.31 8.08
N HIS A 201 -4.53 -0.25 7.33
CA HIS A 201 -4.98 -1.39 6.52
C HIS A 201 -5.62 -0.84 5.24
N LEU A 202 -4.84 -0.67 4.18
CA LEU A 202 -5.42 -0.09 2.95
C LEU A 202 -5.97 -1.07 1.94
N ASN A 203 -5.85 -2.36 2.22
CA ASN A 203 -6.39 -3.37 1.32
C ASN A 203 -7.63 -4.02 1.92
N GLY A 204 -8.30 -3.29 2.80
CA GLY A 204 -9.49 -3.80 3.46
C GLY A 204 -10.76 -3.62 2.65
N VAL A 205 -11.89 -3.97 3.26
CA VAL A 205 -13.20 -3.87 2.61
C VAL A 205 -13.64 -2.45 2.37
N TYR A 206 -14.04 -2.19 1.12
CA TYR A 206 -14.53 -0.91 0.69
C TYR A 206 -15.96 -0.72 1.20
N TYR A 207 -16.14 0.18 2.17
CA TYR A 207 -17.45 0.48 2.77
C TYR A 207 -17.93 1.79 2.21
N GLN A 208 -19.09 1.77 1.56
CA GLN A 208 -19.62 2.97 0.98
C GLN A 208 -20.01 3.94 2.10
N GLY A 209 -19.58 5.21 1.97
CA GLY A 209 -19.90 6.22 2.95
C GLY A 209 -18.85 6.55 4.02
N GLY A 210 -17.90 5.63 4.25
CA GLY A 210 -16.88 5.86 5.25
C GLY A 210 -17.23 5.20 6.58
N THR A 211 -18.15 5.80 7.32
CA THR A 211 -18.57 5.25 8.62
C THR A 211 -19.26 3.89 8.49
N TYR A 212 -18.87 2.94 9.33
CA TYR A 212 -19.46 1.61 9.32
C TYR A 212 -19.47 1.03 10.74
N SER A 213 -20.38 0.10 10.99
CA SER A 213 -20.50 -0.48 12.32
C SER A 213 -19.88 -1.84 12.45
N LYS A 214 -19.78 -2.29 13.70
CA LYS A 214 -19.22 -3.59 14.06
C LYS A 214 -20.10 -4.69 13.46
N ALA A 215 -21.35 -4.34 13.16
CA ALA A 215 -22.32 -5.28 12.61
C ALA A 215 -22.12 -5.61 11.13
N SER A 216 -21.67 -4.63 10.37
CA SER A 216 -21.41 -4.74 8.93
C SER A 216 -20.43 -5.88 8.65
N THR A 217 -19.93 -6.46 9.73
CA THR A 217 -19.00 -7.57 9.69
C THR A 217 -19.43 -8.41 10.92
N PRO A 218 -20.21 -9.49 10.69
CA PRO A 218 -20.73 -10.43 11.71
C PRO A 218 -19.81 -10.81 12.88
N ASN A 219 -18.50 -10.98 12.63
CA ASN A 219 -17.61 -11.31 13.74
C ASN A 219 -16.85 -10.09 14.28
N GLY A 220 -17.52 -8.92 14.25
CA GLY A 220 -16.98 -7.67 14.78
C GLY A 220 -15.60 -7.17 14.37
N TYR A 221 -15.12 -7.61 13.21
CA TYR A 221 -13.81 -7.20 12.71
C TYR A 221 -13.81 -5.75 12.23
N ASP A 222 -12.81 -4.98 12.62
CA ASP A 222 -12.70 -3.63 12.08
C ASP A 222 -11.81 -3.86 10.82
N ASN A 223 -12.47 -4.21 9.73
CA ASN A 223 -11.77 -4.52 8.49
C ASN A 223 -11.87 -3.55 7.32
N GLY A 224 -12.22 -2.30 7.60
CA GLY A 224 -12.32 -1.31 6.54
C GLY A 224 -10.95 -0.89 6.02
N ILE A 225 -10.95 0.18 5.24
CA ILE A 225 -9.75 0.75 4.69
C ILE A 225 -9.49 1.84 5.71
N ILE A 226 -8.77 1.50 6.77
CA ILE A 226 -8.49 2.43 7.87
C ILE A 226 -7.03 2.89 8.01
N TRP A 227 -6.87 4.05 8.62
CA TRP A 227 -5.57 4.61 8.91
C TRP A 227 -5.87 5.24 10.27
N ALA A 228 -5.70 4.44 11.32
CA ALA A 228 -6.00 4.79 12.71
C ALA A 228 -5.59 6.15 13.17
N THR A 229 -4.53 6.68 12.60
CA THR A 229 -4.04 7.97 13.03
C THR A 229 -4.81 9.17 12.50
N TRP A 230 -5.53 8.99 11.41
CA TRP A 230 -6.29 10.07 10.77
C TRP A 230 -7.77 9.94 11.08
N LYS A 231 -8.31 8.74 10.95
CA LYS A 231 -9.72 8.49 11.19
C LYS A 231 -9.93 7.33 12.11
N THR A 232 -11.15 7.24 12.63
CA THR A 232 -11.55 6.18 13.53
C THR A 232 -11.53 4.84 12.74
N ARG A 233 -11.29 3.76 13.47
CA ARG A 233 -11.24 2.41 12.91
C ARG A 233 -12.55 2.04 12.22
N TRP A 234 -13.60 2.81 12.51
CA TRP A 234 -14.93 2.61 11.92
C TRP A 234 -15.14 3.61 10.80
N TYR A 235 -14.06 3.97 10.14
CA TYR A 235 -14.16 4.88 9.01
C TYR A 235 -13.30 4.28 7.94
N SER A 236 -13.95 3.96 6.82
CA SER A 236 -13.30 3.37 5.66
C SER A 236 -13.09 4.53 4.66
N MET A 237 -11.88 4.61 4.09
CA MET A 237 -11.52 5.68 3.14
C MET A 237 -12.19 5.62 1.77
N LYS A 238 -12.23 6.76 1.10
CA LYS A 238 -12.83 6.89 -0.21
C LYS A 238 -11.81 6.50 -1.29
N LYS A 239 -10.57 6.93 -1.13
CA LYS A 239 -9.52 6.62 -2.07
C LYS A 239 -8.22 6.47 -1.32
N THR A 240 -7.34 5.61 -1.83
CA THR A 240 -6.02 5.41 -1.24
C THR A 240 -5.02 5.25 -2.37
N THR A 241 -3.81 5.72 -2.17
CA THR A 241 -2.75 5.53 -3.14
C THR A 241 -1.46 5.25 -2.39
N MET A 242 -0.74 4.23 -2.80
CA MET A 242 0.55 3.90 -2.21
C MET A 242 1.54 3.98 -3.37
N LYS A 243 2.46 4.92 -3.32
CA LYS A 243 3.42 5.07 -4.43
C LYS A 243 4.82 5.34 -3.93
N ILE A 244 5.81 5.08 -4.79
CA ILE A 244 7.20 5.27 -4.40
C ILE A 244 8.05 6.21 -5.30
N ILE A 245 9.03 6.89 -4.70
CA ILE A 245 9.90 7.83 -5.41
C ILE A 245 11.22 7.89 -4.68
N PRO A 246 12.34 8.05 -5.42
CA PRO A 246 13.64 8.12 -4.75
C PRO A 246 13.58 9.20 -3.68
N PHE A 247 14.08 8.85 -2.49
CA PHE A 247 14.04 9.73 -1.33
C PHE A 247 14.45 11.15 -1.56
N ASN A 248 15.45 11.38 -2.39
CA ASN A 248 15.93 12.73 -2.64
C ASN A 248 14.92 13.67 -3.29
N ARG A 249 13.83 13.10 -3.81
CA ARG A 249 12.80 13.92 -4.45
C ARG A 249 11.90 14.57 -3.41
N LEU A 250 12.13 14.30 -2.14
CA LEU A 250 11.31 14.87 -1.06
C LEU A 250 11.89 16.16 -0.41
N GLY B 1 -7.41 -3.06 13.88
CA GLY B 1 -7.33 -2.87 15.33
C GLY B 1 -6.56 -4.00 15.97
N PRO B 2 -6.62 -4.12 17.30
CA PRO B 2 -5.96 -5.13 18.14
C PRO B 2 -6.72 -6.47 18.15
N ARG B 3 -6.30 -7.36 19.05
CA ARG B 3 -6.90 -8.69 19.21
C ARG B 3 -6.81 -9.05 20.72
N PRO B 4 -7.36 -10.21 21.14
CA PRO B 4 -7.29 -10.61 22.56
C PRO B 4 -5.85 -10.99 22.95
#